data_9GYC
#
_entry.id   9GYC
#
_cell.length_a   65.914
_cell.length_b   65.914
_cell.length_c   262.944
_cell.angle_alpha   90.00
_cell.angle_beta   90.00
_cell.angle_gamma   120.00
#
_symmetry.space_group_name_H-M   'P 65 2 2'
#
loop_
_entity.id
_entity.type
_entity.pdbx_description
1 polymer 'Vitamin D3 receptor A'
2 polymer 'Nuclear receptor coactivator 2'
3 non-polymer 'ACETATE ION'
4 non-polymer (1~{R},3~{S},5~{Z})-5-[(2~{E})-2-[(1~{R},3~{a}~{S},7~{a}~{R})-1-[(2~{R})-5-[~{tert}-butyl(dimethyl)silyl]pent-4-yn-2-yl]-7~{a}-methyl-2,3,3~{a},5,6,7-hexahydro-1~{H}-inden-4-ylidene]ethylidene]-4-methylidene-cyclohexane-1,3-diol
5 water water
#
loop_
_entity_poly.entity_id
_entity_poly.type
_entity_poly.pdbx_seq_one_letter_code
_entity_poly.pdbx_strand_id
1 'polypeptide(L)'
;GSHMLSDEQMQIINSLVEAHHKTYDDSYSDFVRFRPPVREGPVTRSASRAASLHSLSDASSDSFNHSPESVDTKLNFSNL
LMMYQDSGSPDSSEEDQQSRLSMLPHLADLVSYSIQKVIGFAKMIPGFRDLTAEDQIALLKSSAIEIIMLRSNQSFSLED
MSWSCGGPDFKYCINDVTKAGHTLELLEPLVKFQVGLKKLKLHEEEHVLLMAICLLSPDRPGVQDHVRIEALQDRLCDVL
QAYIRIQHPGGRLLYAKMIQKLADLRSLNEEHSKQYRSLSFQPEHSMQLTPLVLEVFGSEVS
;
A
2 'polypeptide(L)' KHKILHRLLQDSS B
#
loop_
_chem_comp.id
_chem_comp.type
_chem_comp.name
_chem_comp.formula
A1IQP non-polymer (1~{R},3~{S},5~{Z})-5-[(2~{E})-2-[(1~{R},3~{a}~{S},7~{a}~{R})-1-[(2~{R})-5-[~{tert}-butyl(dimethyl)silyl]pent-4-yn-2-yl]-7~{a}-methyl-2,3,3~{a},5,6,7-hexahydro-1~{H}-inden-4-ylidene]ethylidene]-4-methylidene-cyclohexane-1,3-diol 'C30 H48 O2 Si'
ACT non-polymer 'ACETATE ION' 'C2 H3 O2 -1'
#
# COMPACT_ATOMS: atom_id res chain seq x y z
N HIS A 3 3.01 10.17 29.03
CA HIS A 3 2.52 11.48 28.56
C HIS A 3 3.34 12.20 27.52
N MET A 4 4.25 11.45 26.91
CA MET A 4 5.37 11.98 26.15
C MET A 4 5.99 10.80 25.44
N LEU A 5 6.25 10.96 24.15
CA LEU A 5 6.89 9.91 23.36
C LEU A 5 8.36 9.78 23.78
N SER A 6 8.87 8.56 23.79
CA SER A 6 10.27 8.38 24.10
C SER A 6 11.16 8.83 22.95
N ASP A 7 12.44 8.94 23.26
CA ASP A 7 13.46 9.15 22.24
C ASP A 7 13.39 8.06 21.17
N GLU A 8 13.23 6.81 21.62
CA GLU A 8 13.19 5.71 20.68
C GLU A 8 11.92 5.79 19.83
N GLN A 9 10.81 6.28 20.41
CA GLN A 9 9.59 6.44 19.62
C GLN A 9 9.75 7.53 18.57
N MET A 10 10.25 8.69 18.99
CA MET A 10 10.33 9.76 18.02
C MET A 10 11.29 9.38 16.90
N GLN A 11 12.33 8.58 17.21
CA GLN A 11 13.27 8.16 16.17
C GLN A 11 12.59 7.26 15.11
N ILE A 12 11.81 6.27 15.57
CA ILE A 12 11.03 5.40 14.67
C ILE A 12 10.16 6.25 13.77
N ILE A 13 9.50 7.25 14.33
CA ILE A 13 8.63 8.11 13.55
C ILE A 13 9.45 8.87 12.51
N ASN A 14 10.57 9.47 12.93
CA ASN A 14 11.41 10.22 11.99
C ASN A 14 11.85 9.36 10.81
N SER A 15 12.33 8.14 11.07
CA SER A 15 12.80 7.32 9.95
C SER A 15 11.64 6.80 9.13
N LEU A 16 10.47 6.53 9.75
CA LEU A 16 9.29 6.22 8.94
C LEU A 16 8.91 7.40 8.04
N VAL A 17 8.85 8.61 8.58
CA VAL A 17 8.47 9.75 7.75
C VAL A 17 9.44 9.94 6.60
N GLU A 18 10.74 9.88 6.90
CA GLU A 18 11.77 10.07 5.88
C GLU A 18 11.67 9.01 4.79
N ALA A 19 11.54 7.73 5.19
CA ALA A 19 11.34 6.63 4.27
C ALA A 19 10.19 6.91 3.32
N HIS A 20 9.09 7.43 3.85
CA HIS A 20 8.00 7.79 2.98
C HIS A 20 8.38 8.92 2.04
N HIS A 21 9.04 9.96 2.56
CA HIS A 21 9.25 11.09 1.68
C HIS A 21 10.16 10.71 0.52
N LYS A 22 11.00 9.69 0.73
CA LYS A 22 11.99 9.25 -0.24
C LYS A 22 11.38 8.34 -1.29
N THR A 23 10.16 7.86 -1.09
CA THR A 23 9.55 6.87 -1.95
C THR A 23 8.19 7.35 -2.43
N TYR A 24 7.77 8.53 -2.03
CA TYR A 24 6.51 9.04 -2.56
C TYR A 24 6.85 10.42 -3.10
N ASP A 25 6.71 10.57 -4.43
CA ASP A 25 7.02 11.80 -5.13
C ASP A 25 5.71 12.50 -5.48
N ASP A 26 5.38 13.57 -4.75
CA ASP A 26 4.18 14.38 -5.01
C ASP A 26 4.22 15.09 -6.38
N SER A 27 5.34 15.05 -7.15
CA SER A 27 5.33 15.69 -8.48
C SER A 27 4.75 14.78 -9.56
N TYR A 28 4.68 13.48 -9.26
CA TYR A 28 4.15 12.46 -10.16
C TYR A 28 4.74 12.57 -11.57
N SER A 29 5.95 13.14 -11.68
CA SER A 29 6.52 13.35 -12.99
C SER A 29 6.96 12.03 -13.60
N ASP A 30 7.16 10.99 -12.78
CA ASP A 30 7.50 9.68 -13.32
C ASP A 30 6.36 9.04 -14.08
N PHE A 31 5.13 9.55 -13.91
CA PHE A 31 3.97 8.88 -14.48
C PHE A 31 3.97 8.97 -16.02
N VAL A 32 4.61 10.01 -16.57
CA VAL A 32 4.68 10.14 -17.99
C VAL A 32 5.46 8.99 -18.65
N ARG A 33 6.19 8.21 -17.85
CA ARG A 33 6.95 7.10 -18.40
C ARG A 33 6.11 5.83 -18.54
N PHE A 34 4.94 5.79 -17.90
CA PHE A 34 4.06 4.64 -18.03
C PHE A 34 3.47 4.59 -19.44
N ARG A 35 3.12 3.39 -19.86
CA ARG A 35 2.29 3.30 -21.05
C ARG A 35 1.08 4.23 -20.86
N PRO A 36 0.75 5.03 -21.84
CA PRO A 36 -0.25 6.09 -21.65
C PRO A 36 -1.61 5.54 -21.27
N PRO A 37 -2.47 6.38 -20.66
CA PRO A 37 -3.85 5.92 -20.36
C PRO A 37 -4.75 6.04 -21.59
N VAL A 38 -5.74 5.14 -21.71
CA VAL A 38 -6.69 5.19 -22.83
C VAL A 38 -8.11 5.02 -22.32
N ARG A 39 -9.01 5.91 -22.75
CA ARG A 39 -10.39 5.93 -22.30
C ARG A 39 -11.37 6.12 -23.45
N ARG A 100 -12.68 -5.15 -23.42
CA ARG A 100 -11.73 -4.33 -24.19
C ARG A 100 -10.44 -3.98 -23.39
N LEU A 101 -10.63 -3.25 -22.25
CA LEU A 101 -9.67 -2.96 -21.16
C LEU A 101 -8.60 -1.91 -21.51
N SER A 102 -9.08 -0.74 -21.94
CA SER A 102 -8.21 0.35 -22.39
C SER A 102 -7.19 0.82 -21.32
N MET A 103 -7.54 0.79 -20.02
CA MET A 103 -6.66 1.38 -19.00
C MET A 103 -5.72 0.38 -18.31
N LEU A 104 -5.78 -0.92 -18.67
CA LEU A 104 -4.95 -1.92 -18.01
C LEU A 104 -3.47 -1.70 -18.27
N PRO A 105 -3.01 -1.38 -19.49
CA PRO A 105 -1.59 -1.03 -19.63
C PRO A 105 -1.15 0.07 -18.66
N HIS A 106 -1.88 1.20 -18.61
CA HIS A 106 -1.39 2.30 -17.80
C HIS A 106 -1.46 1.99 -16.30
N LEU A 107 -2.56 1.37 -15.84
CA LEU A 107 -2.69 1.05 -14.42
C LEU A 107 -1.78 -0.09 -14.00
N ALA A 108 -1.52 -1.04 -14.90
CA ALA A 108 -0.51 -2.05 -14.59
C ALA A 108 0.84 -1.38 -14.34
N ASP A 109 1.18 -0.37 -15.15
CA ASP A 109 2.44 0.33 -14.91
C ASP A 109 2.38 1.15 -13.63
N LEU A 110 1.26 1.84 -13.39
CA LEU A 110 1.10 2.57 -12.13
C LEU A 110 1.35 1.62 -10.94
N VAL A 111 0.72 0.43 -10.96
CA VAL A 111 0.85 -0.49 -9.84
C VAL A 111 2.27 -1.05 -9.76
N SER A 112 2.86 -1.37 -10.90
CA SER A 112 4.22 -1.93 -10.87
C SER A 112 5.19 -0.91 -10.28
N TYR A 113 5.09 0.34 -10.77
CA TYR A 113 5.93 1.39 -10.25
C TYR A 113 5.69 1.55 -8.72
N SER A 114 4.43 1.49 -8.29
CA SER A 114 4.13 1.69 -6.86
C SER A 114 4.65 0.52 -6.02
N ILE A 115 4.56 -0.71 -6.53
CA ILE A 115 5.19 -1.83 -5.83
C ILE A 115 6.66 -1.53 -5.53
N GLN A 116 7.40 -1.04 -6.53
CA GLN A 116 8.81 -0.73 -6.29
C GLN A 116 8.97 0.30 -5.18
N LYS A 117 8.15 1.35 -5.20
CA LYS A 117 8.21 2.34 -4.12
C LYS A 117 7.89 1.68 -2.76
N VAL A 118 6.93 0.72 -2.75
CA VAL A 118 6.55 0.12 -1.46
C VAL A 118 7.67 -0.76 -0.91
N ILE A 119 8.35 -1.51 -1.82
CA ILE A 119 9.57 -2.25 -1.47
C ILE A 119 10.62 -1.28 -0.94
N GLY A 120 10.76 -0.12 -1.61
CA GLY A 120 11.73 0.85 -1.11
C GLY A 120 11.40 1.36 0.29
N PHE A 121 10.12 1.59 0.57
CA PHE A 121 9.70 2.05 1.89
C PHE A 121 9.97 0.99 2.94
N ALA A 122 9.57 -0.25 2.61
CA ALA A 122 9.72 -1.39 3.49
C ALA A 122 11.15 -1.58 3.94
N LYS A 123 12.11 -1.44 3.00
CA LYS A 123 13.52 -1.65 3.34
C LYS A 123 14.03 -0.63 4.34
N MET A 124 13.28 0.46 4.54
CA MET A 124 13.66 1.47 5.51
C MET A 124 12.84 1.40 6.79
N ILE A 125 11.90 0.46 6.89
CA ILE A 125 11.24 0.30 8.17
C ILE A 125 12.24 -0.31 9.14
N PRO A 126 12.40 0.26 10.35
CA PRO A 126 13.28 -0.35 11.36
C PRO A 126 13.03 -1.85 11.54
N GLY A 127 14.05 -2.66 11.20
CA GLY A 127 14.02 -4.09 11.45
C GLY A 127 13.52 -4.94 10.30
N PHE A 128 12.70 -4.38 9.42
CA PHE A 128 12.25 -5.14 8.25
C PHE A 128 13.44 -5.78 7.55
N ARG A 129 14.51 -5.02 7.35
CA ARG A 129 15.65 -5.49 6.56
C ARG A 129 16.37 -6.64 7.24
N ASP A 130 16.21 -6.78 8.55
CA ASP A 130 16.85 -7.82 9.32
C ASP A 130 16.01 -9.07 9.44
N LEU A 131 14.78 -9.06 8.95
CA LEU A 131 14.06 -10.31 8.72
C LEU A 131 14.78 -11.16 7.65
N THR A 132 14.44 -12.45 7.57
CA THR A 132 14.92 -13.27 6.46
C THR A 132 14.36 -12.73 5.14
N ALA A 133 15.13 -12.92 4.06
CA ALA A 133 14.63 -12.52 2.76
C ALA A 133 13.33 -13.25 2.45
N GLU A 134 13.18 -14.48 2.95
CA GLU A 134 11.91 -15.19 2.73
C GLU A 134 10.74 -14.45 3.38
N ASP A 135 10.90 -14.01 4.66
CA ASP A 135 9.84 -13.26 5.34
C ASP A 135 9.60 -11.92 4.67
N GLN A 136 10.67 -11.22 4.25
CA GLN A 136 10.49 -9.94 3.55
C GLN A 136 9.59 -10.10 2.35
N ILE A 137 9.77 -11.20 1.62
CA ILE A 137 8.99 -11.45 0.40
C ILE A 137 7.58 -11.82 0.76
N ALA A 138 7.44 -12.71 1.73
CA ALA A 138 6.13 -13.08 2.25
C ALA A 138 5.36 -11.86 2.75
N LEU A 139 5.99 -11.00 3.55
CA LEU A 139 5.32 -9.76 3.95
C LEU A 139 4.94 -8.95 2.72
N LEU A 140 5.88 -8.81 1.76
CA LEU A 140 5.62 -7.92 0.63
C LEU A 140 4.56 -8.50 -0.29
N LYS A 141 4.62 -9.81 -0.59
CA LYS A 141 3.66 -10.38 -1.51
C LYS A 141 2.23 -10.27 -0.95
N SER A 142 2.07 -10.41 0.35
CA SER A 142 0.68 -10.28 0.83
C SER A 142 0.24 -8.84 1.16
N SER A 143 1.12 -7.90 1.51
CA SER A 143 0.64 -6.56 1.86
C SER A 143 0.72 -5.53 0.73
N ALA A 144 1.43 -5.83 -0.40
CA ALA A 144 1.71 -4.79 -1.38
C ALA A 144 0.42 -4.08 -1.79
N ILE A 145 -0.58 -4.87 -2.19
CA ILE A 145 -1.81 -4.23 -2.67
C ILE A 145 -2.46 -3.35 -1.57
N GLU A 146 -2.38 -3.76 -0.30
CA GLU A 146 -2.97 -2.94 0.79
C GLU A 146 -2.18 -1.66 0.98
N ILE A 147 -0.85 -1.76 0.87
CA ILE A 147 -0.02 -0.59 1.08
C ILE A 147 -0.21 0.37 -0.07
N ILE A 148 -0.44 -0.17 -1.27
CA ILE A 148 -0.73 0.69 -2.40
C ILE A 148 -2.04 1.41 -2.17
N MET A 149 -3.06 0.68 -1.69
CA MET A 149 -4.36 1.27 -1.40
C MET A 149 -4.26 2.37 -0.35
N LEU A 150 -3.45 2.14 0.68
CA LEU A 150 -3.24 3.13 1.75
C LEU A 150 -2.47 4.34 1.21
N ARG A 151 -1.35 4.08 0.54
CA ARG A 151 -0.51 5.20 0.13
C ARG A 151 -1.22 6.05 -0.91
N SER A 152 -2.10 5.44 -1.72
CA SER A 152 -2.87 6.18 -2.73
C SER A 152 -3.82 7.19 -2.10
N ASN A 153 -4.08 7.07 -0.80
CA ASN A 153 -5.00 8.04 -0.20
C ASN A 153 -4.43 9.45 -0.30
N GLN A 154 -3.08 9.57 -0.43
CA GLN A 154 -2.42 10.88 -0.51
C GLN A 154 -2.73 11.62 -1.83
N SER A 155 -3.16 10.91 -2.90
CA SER A 155 -3.63 11.57 -4.14
C SER A 155 -5.14 11.59 -4.30
N PHE A 156 -5.87 10.83 -3.49
CA PHE A 156 -7.33 10.79 -3.53
C PHE A 156 -7.94 12.11 -3.03
N SER A 157 -9.01 12.55 -3.68
CA SER A 157 -9.67 13.81 -3.40
C SER A 157 -11.13 13.52 -3.09
N LEU A 158 -11.60 14.00 -1.95
CA LEU A 158 -13.03 13.85 -1.69
C LEU A 158 -13.82 14.74 -2.62
N GLU A 159 -13.19 15.82 -3.08
CA GLU A 159 -13.90 16.77 -3.93
C GLU A 159 -14.23 16.14 -5.28
N ASP A 160 -13.22 15.51 -5.90
CA ASP A 160 -13.33 14.83 -7.18
C ASP A 160 -13.82 13.39 -7.05
N MET A 161 -13.76 12.78 -5.86
CA MET A 161 -13.90 11.32 -5.67
C MET A 161 -12.96 10.56 -6.58
N SER A 162 -11.75 11.06 -6.71
CA SER A 162 -10.82 10.39 -7.60
C SER A 162 -9.42 10.55 -7.06
N TRP A 163 -8.53 9.85 -7.71
CA TRP A 163 -7.11 9.96 -7.43
C TRP A 163 -6.55 10.94 -8.46
N SER A 164 -6.03 12.07 -7.99
CA SER A 164 -5.61 13.15 -8.87
C SER A 164 -4.10 13.25 -8.79
N CYS A 165 -3.40 12.84 -9.87
CA CYS A 165 -1.93 12.78 -9.85
C CYS A 165 -1.27 13.74 -10.82
N GLY A 166 -1.46 15.05 -10.67
CA GLY A 166 -0.84 15.96 -11.61
C GLY A 166 -1.80 16.40 -12.68
N GLY A 167 -1.58 15.99 -13.92
CA GLY A 167 -2.45 16.42 -15.00
C GLY A 167 -3.82 15.75 -15.00
N PRO A 168 -4.72 16.24 -15.86
CA PRO A 168 -5.99 15.53 -16.07
C PRO A 168 -5.80 14.16 -16.74
N ASP A 169 -4.61 13.87 -17.30
CA ASP A 169 -4.37 12.55 -17.86
C ASP A 169 -4.06 11.52 -16.80
N PHE A 170 -3.46 11.92 -15.69
CA PHE A 170 -3.31 11.04 -14.56
C PHE A 170 -4.28 11.44 -13.44
N LYS A 171 -5.51 11.77 -13.82
CA LYS A 171 -6.62 11.75 -12.87
C LYS A 171 -7.41 10.48 -13.12
N TYR A 172 -7.46 9.60 -12.11
CA TYR A 172 -8.16 8.32 -12.21
C TYR A 172 -9.51 8.38 -11.49
N CYS A 173 -10.56 8.41 -12.31
CA CYS A 173 -11.96 8.21 -11.96
C CYS A 173 -12.24 6.75 -11.67
N ILE A 174 -13.42 6.52 -11.10
CA ILE A 174 -13.92 5.16 -10.98
C ILE A 174 -13.97 4.50 -12.36
N ASN A 175 -14.46 5.23 -13.37
CA ASN A 175 -14.65 4.61 -14.67
C ASN A 175 -13.33 4.20 -15.28
N ASP A 176 -12.30 5.02 -15.09
CA ASP A 176 -10.95 4.62 -15.47
C ASP A 176 -10.59 3.24 -14.93
N VAL A 177 -10.99 2.93 -13.69
CA VAL A 177 -10.55 1.65 -13.11
C VAL A 177 -11.43 0.50 -13.62
N THR A 178 -12.67 0.76 -13.97
CA THR A 178 -13.42 -0.32 -14.61
C THR A 178 -12.81 -0.67 -15.96
N LYS A 179 -12.23 0.31 -16.65
CA LYS A 179 -11.62 -0.03 -17.93
C LYS A 179 -10.30 -0.74 -17.77
N ALA A 180 -9.83 -1.04 -16.56
CA ALA A 180 -8.72 -1.96 -16.36
C ALA A 180 -9.18 -3.34 -15.87
N GLY A 181 -10.48 -3.62 -15.90
CA GLY A 181 -11.01 -4.91 -15.53
C GLY A 181 -11.87 -4.92 -14.27
N HIS A 182 -11.75 -3.92 -13.40
CA HIS A 182 -12.42 -4.06 -12.10
C HIS A 182 -13.92 -3.90 -12.19
N THR A 183 -14.56 -4.73 -11.38
CA THR A 183 -16.00 -4.68 -11.11
C THR A 183 -16.28 -3.83 -9.87
N LEU A 184 -17.46 -3.24 -9.88
CA LEU A 184 -17.89 -2.38 -8.79
C LEU A 184 -17.92 -3.12 -7.46
N GLU A 185 -18.00 -4.44 -7.46
CA GLU A 185 -17.86 -5.13 -6.18
C GLU A 185 -16.43 -5.05 -5.62
N LEU A 186 -15.38 -4.74 -6.42
CA LEU A 186 -14.12 -4.29 -5.81
C LEU A 186 -14.09 -2.77 -5.69
N LEU A 187 -14.63 -2.05 -6.67
CA LEU A 187 -14.45 -0.60 -6.64
C LEU A 187 -15.27 0.06 -5.54
N GLU A 188 -16.52 -0.36 -5.39
CA GLU A 188 -17.41 0.31 -4.43
C GLU A 188 -16.73 0.37 -3.05
N PRO A 189 -16.32 -0.76 -2.44
CA PRO A 189 -15.61 -0.65 -1.16
C PRO A 189 -14.22 0.02 -1.25
N LEU A 190 -13.52 -0.05 -2.39
CA LEU A 190 -12.26 0.68 -2.50
C LEU A 190 -12.50 2.19 -2.38
N VAL A 191 -13.51 2.71 -3.06
CA VAL A 191 -13.77 4.14 -3.02
C VAL A 191 -14.33 4.55 -1.66
N LYS A 192 -15.23 3.72 -1.12
CA LYS A 192 -15.73 3.95 0.23
C LYS A 192 -14.59 3.97 1.24
N PHE A 193 -13.60 3.08 1.06
CA PHE A 193 -12.44 3.02 1.95
C PHE A 193 -11.62 4.30 1.86
N GLN A 194 -11.31 4.78 0.63
CA GLN A 194 -10.57 6.04 0.53
C GLN A 194 -11.29 7.21 1.22
N VAL A 195 -12.62 7.26 1.17
CA VAL A 195 -13.24 8.44 1.77
C VAL A 195 -13.18 8.38 3.30
N GLY A 196 -13.51 7.22 3.90
CA GLY A 196 -13.42 7.10 5.36
C GLY A 196 -12.00 7.33 5.86
N LEU A 197 -11.01 6.81 5.14
CA LEU A 197 -9.62 7.10 5.49
C LEU A 197 -9.30 8.60 5.31
N LYS A 198 -9.82 9.21 4.24
CA LYS A 198 -9.49 10.61 4.00
C LYS A 198 -10.11 11.48 5.07
N LYS A 199 -11.35 11.15 5.47
CA LYS A 199 -12.04 11.86 6.54
C LYS A 199 -11.31 11.70 7.87
N LEU A 200 -10.62 10.58 8.09
CA LEU A 200 -9.81 10.43 9.30
C LEU A 200 -8.79 11.56 9.48
N LYS A 201 -8.40 12.24 8.39
CA LYS A 201 -7.52 13.42 8.43
C LYS A 201 -6.22 13.13 9.20
N LEU A 202 -5.57 12.04 8.82
CA LEU A 202 -4.44 11.52 9.56
C LEU A 202 -3.26 12.48 9.48
N HIS A 203 -2.51 12.57 10.55
CA HIS A 203 -1.21 13.19 10.46
C HIS A 203 -0.30 12.33 9.62
N GLU A 204 0.65 12.97 8.96
CA GLU A 204 1.65 12.26 8.15
C GLU A 204 2.30 11.12 8.93
N GLU A 205 2.77 11.44 10.17
CA GLU A 205 3.26 10.45 11.15
C GLU A 205 2.32 9.24 11.28
N GLU A 206 1.01 9.46 11.28
CA GLU A 206 0.05 8.38 11.45
C GLU A 206 -0.12 7.55 10.18
N HIS A 207 -0.33 8.24 9.07
CA HIS A 207 -0.34 7.60 7.75
C HIS A 207 0.83 6.64 7.57
N VAL A 208 2.04 7.10 7.89
CA VAL A 208 3.23 6.27 7.70
C VAL A 208 3.29 5.14 8.73
N LEU A 209 2.89 5.42 10.00
CA LEU A 209 2.82 4.35 11.00
C LEU A 209 1.88 3.24 10.51
N LEU A 210 0.72 3.64 9.98
CA LEU A 210 -0.29 2.67 9.60
C LEU A 210 0.20 1.79 8.45
N MET A 211 0.84 2.39 7.43
CA MET A 211 1.47 1.60 6.36
C MET A 211 2.50 0.65 6.92
N ALA A 212 3.32 1.10 7.87
CA ALA A 212 4.36 0.22 8.41
C ALA A 212 3.72 -0.91 9.22
N ILE A 213 2.64 -0.60 9.95
CA ILE A 213 1.99 -1.62 10.77
C ILE A 213 1.34 -2.66 9.86
N CYS A 214 0.69 -2.19 8.80
CA CYS A 214 0.11 -3.07 7.80
C CYS A 214 1.16 -4.00 7.19
N LEU A 215 2.30 -3.44 6.79
CA LEU A 215 3.39 -4.24 6.22
C LEU A 215 3.92 -5.25 7.23
N LEU A 216 3.96 -4.87 8.52
CA LEU A 216 4.55 -5.78 9.48
C LEU A 216 3.53 -6.69 10.16
N SER A 217 2.43 -7.04 9.49
CA SER A 217 1.49 -7.98 10.09
C SER A 217 2.09 -9.37 10.08
N PRO A 218 2.19 -10.03 11.23
CA PRO A 218 2.65 -11.41 11.25
C PRO A 218 1.62 -12.42 10.75
N ASP A 219 0.33 -12.04 10.64
CA ASP A 219 -0.67 -13.02 10.21
C ASP A 219 -0.82 -12.94 8.69
N ARG A 220 0.26 -13.32 8.05
CA ARG A 220 0.11 -13.37 6.62
C ARG A 220 0.53 -14.74 6.17
N PRO A 221 -0.09 -15.27 5.08
CA PRO A 221 0.33 -16.58 4.55
C PRO A 221 1.84 -16.62 4.38
N GLY A 222 2.50 -17.62 4.92
CA GLY A 222 3.88 -17.81 4.58
C GLY A 222 4.94 -17.15 5.46
N VAL A 223 4.56 -16.35 6.48
CA VAL A 223 5.61 -15.84 7.36
C VAL A 223 6.10 -16.99 8.21
N GLN A 224 7.39 -16.92 8.59
CA GLN A 224 8.04 -17.96 9.37
C GLN A 224 8.34 -17.44 10.78
N ASP A 225 9.19 -16.41 10.87
CA ASP A 225 9.58 -15.84 12.15
C ASP A 225 8.43 -14.99 12.64
N HIS A 226 7.35 -15.69 12.93
CA HIS A 226 6.13 -15.02 13.34
C HIS A 226 6.38 -14.18 14.60
N VAL A 227 7.09 -14.74 15.60
CA VAL A 227 7.25 -14.00 16.85
C VAL A 227 7.98 -12.69 16.59
N ARG A 228 9.00 -12.71 15.74
CA ARG A 228 9.78 -11.48 15.55
C ARG A 228 8.97 -10.40 14.84
N ILE A 229 8.16 -10.79 13.85
CA ILE A 229 7.41 -9.78 13.14
C ILE A 229 6.35 -9.18 14.06
N GLU A 230 5.70 -10.02 14.87
CA GLU A 230 4.70 -9.48 15.80
C GLU A 230 5.34 -8.45 16.72
N ALA A 231 6.55 -8.74 17.23
CA ALA A 231 7.22 -7.81 18.13
C ALA A 231 7.49 -6.48 17.45
N LEU A 232 8.00 -6.49 16.20
CA LEU A 232 8.13 -5.25 15.43
C LEU A 232 6.81 -4.52 15.39
N GLN A 233 5.76 -5.21 14.91
CA GLN A 233 4.46 -4.57 14.74
C GLN A 233 3.91 -4.04 16.07
N ASP A 234 4.17 -4.77 17.16
CA ASP A 234 3.76 -4.29 18.48
C ASP A 234 4.41 -2.96 18.81
N ARG A 235 5.73 -2.88 18.71
CA ARG A 235 6.40 -1.61 18.95
C ARG A 235 5.82 -0.46 18.13
N LEU A 236 5.49 -0.70 16.84
CA LEU A 236 4.91 0.38 16.00
C LEU A 236 3.51 0.80 16.48
N CYS A 237 2.67 -0.16 16.87
CA CYS A 237 1.39 0.19 17.43
C CYS A 237 1.55 1.06 18.68
N ASP A 238 2.43 0.66 19.59
CA ASP A 238 2.67 1.49 20.77
C ASP A 238 3.08 2.89 20.38
N VAL A 239 3.98 3.04 19.39
CA VAL A 239 4.28 4.37 18.89
C VAL A 239 2.99 5.04 18.45
N LEU A 240 2.21 4.36 17.60
CA LEU A 240 1.03 5.00 17.05
C LEU A 240 0.07 5.46 18.15
N GLN A 241 -0.21 4.61 19.14
CA GLN A 241 -1.10 5.01 20.24
C GLN A 241 -0.54 6.20 21.00
N ALA A 242 0.74 6.14 21.36
CA ALA A 242 1.35 7.25 22.08
C ALA A 242 1.28 8.53 21.26
N TYR A 243 1.67 8.47 19.98
CA TYR A 243 1.60 9.66 19.14
C TYR A 243 0.20 10.26 19.17
N ILE A 244 -0.82 9.43 18.99
CA ILE A 244 -2.17 9.97 18.86
C ILE A 244 -2.59 10.63 20.17
N ARG A 245 -2.36 9.93 21.29
CA ARG A 245 -2.61 10.47 22.63
C ARG A 245 -1.90 11.81 22.81
N ILE A 246 -0.56 11.82 22.74
CA ILE A 246 0.21 13.04 23.02
C ILE A 246 -0.07 14.09 21.95
N GLN A 247 0.01 13.71 20.66
CA GLN A 247 0.20 14.73 19.63
C GLN A 247 -1.05 15.07 18.84
N HIS A 248 -2.13 14.30 18.95
CA HIS A 248 -3.26 14.51 18.04
C HIS A 248 -4.51 14.98 18.79
N PRO A 249 -4.75 16.29 18.85
CA PRO A 249 -5.91 16.80 19.62
C PRO A 249 -7.22 16.14 19.18
N GLY A 250 -7.97 15.67 20.16
CA GLY A 250 -9.17 14.91 19.87
C GLY A 250 -8.96 13.54 19.24
N GLY A 251 -7.85 12.86 19.55
CA GLY A 251 -7.61 11.61 18.86
C GLY A 251 -8.04 10.38 19.63
N ARG A 252 -8.75 10.57 20.75
CA ARG A 252 -9.08 9.45 21.65
C ARG A 252 -9.77 8.30 20.93
N LEU A 253 -10.53 8.56 19.87
CA LEU A 253 -11.18 7.49 19.14
C LEU A 253 -10.35 6.99 17.93
N LEU A 254 -9.22 7.63 17.63
CA LEU A 254 -8.59 7.50 16.32
C LEU A 254 -7.86 6.16 16.13
N TYR A 255 -7.18 5.66 17.17
CA TYR A 255 -6.48 4.39 17.06
C TYR A 255 -7.40 3.30 16.53
N ALA A 256 -8.53 3.10 17.23
CA ALA A 256 -9.57 2.14 16.88
C ALA A 256 -10.02 2.28 15.43
N LYS A 257 -10.32 3.51 14.99
CA LYS A 257 -10.70 3.74 13.59
C LYS A 257 -9.62 3.26 12.64
N MET A 258 -8.37 3.53 12.99
CA MET A 258 -7.26 3.17 12.11
C MET A 258 -7.11 1.67 12.05
N ILE A 259 -7.22 1.01 13.20
CA ILE A 259 -7.08 -0.43 13.22
C ILE A 259 -8.24 -1.08 12.48
N GLN A 260 -9.43 -0.47 12.51
CA GLN A 260 -10.50 -0.94 11.63
C GLN A 260 -10.11 -0.79 10.17
N LYS A 261 -9.37 0.28 9.82
CA LYS A 261 -8.99 0.41 8.43
C LYS A 261 -8.10 -0.74 7.99
N LEU A 262 -7.28 -1.27 8.88
CA LEU A 262 -6.53 -2.48 8.57
C LEU A 262 -7.47 -3.66 8.26
N ALA A 263 -8.53 -3.84 9.04
CA ALA A 263 -9.49 -4.90 8.74
C ALA A 263 -10.13 -4.70 7.37
N ASP A 264 -10.51 -3.46 7.05
CA ASP A 264 -11.04 -3.13 5.72
C ASP A 264 -10.06 -3.53 4.62
N LEU A 265 -8.77 -3.23 4.82
CA LEU A 265 -7.75 -3.55 3.82
C LEU A 265 -7.70 -5.06 3.55
N ARG A 266 -7.85 -5.90 4.58
CA ARG A 266 -7.86 -7.35 4.36
C ARG A 266 -8.96 -7.76 3.40
N SER A 267 -10.17 -7.24 3.64
CA SER A 267 -11.30 -7.56 2.77
C SER A 267 -11.06 -7.06 1.35
N LEU A 268 -10.54 -5.83 1.21
CA LEU A 268 -10.16 -5.32 -0.12
C LEU A 268 -9.12 -6.23 -0.76
N ASN A 269 -8.15 -6.66 0.03
CA ASN A 269 -7.16 -7.60 -0.45
C ASN A 269 -7.85 -8.83 -1.01
N GLU A 270 -8.77 -9.40 -0.24
CA GLU A 270 -9.42 -10.65 -0.66
C GLU A 270 -10.08 -10.50 -2.03
N GLU A 271 -10.95 -9.48 -2.16
CA GLU A 271 -11.69 -9.28 -3.39
C GLU A 271 -10.76 -8.94 -4.54
N HIS A 272 -9.80 -8.08 -4.26
CA HIS A 272 -8.87 -7.71 -5.29
C HIS A 272 -8.08 -8.94 -5.75
N SER A 273 -7.71 -9.82 -4.82
CA SER A 273 -6.88 -10.93 -5.24
C SER A 273 -7.71 -11.96 -6.05
N LYS A 274 -9.02 -12.04 -5.81
CA LYS A 274 -9.91 -12.81 -6.67
C LYS A 274 -9.92 -12.24 -8.09
N GLN A 275 -10.01 -10.91 -8.23
CA GLN A 275 -10.07 -10.29 -9.56
C GLN A 275 -8.75 -10.46 -10.29
N TYR A 276 -7.64 -10.31 -9.56
CA TYR A 276 -6.35 -10.60 -10.15
C TYR A 276 -6.33 -12.00 -10.75
N ARG A 277 -6.88 -12.98 -10.03
CA ARG A 277 -6.85 -14.33 -10.51
C ARG A 277 -7.54 -14.43 -11.85
N SER A 278 -8.65 -13.72 -12.02
CA SER A 278 -9.38 -13.91 -13.26
C SER A 278 -8.69 -13.25 -14.43
N LEU A 279 -8.01 -12.14 -14.18
CA LEU A 279 -7.18 -11.54 -15.21
C LEU A 279 -6.04 -12.46 -15.60
N SER A 280 -5.28 -12.89 -14.59
CA SER A 280 -4.04 -13.60 -14.81
C SER A 280 -4.30 -14.94 -15.47
N PHE A 281 -5.54 -15.43 -15.42
CA PHE A 281 -5.85 -16.66 -16.13
C PHE A 281 -6.22 -16.43 -17.59
N GLN A 282 -6.31 -15.18 -18.06
CA GLN A 282 -6.54 -14.90 -19.48
C GLN A 282 -5.28 -14.28 -20.06
N PRO A 283 -4.54 -15.03 -20.87
CA PRO A 283 -3.22 -14.54 -21.33
C PRO A 283 -3.32 -13.24 -22.10
N GLU A 284 -4.43 -12.97 -22.79
CA GLU A 284 -4.51 -11.71 -23.52
C GLU A 284 -4.51 -10.54 -22.56
N HIS A 285 -4.99 -10.73 -21.35
CA HIS A 285 -4.80 -9.69 -20.35
C HIS A 285 -3.54 -9.88 -19.54
N SER A 286 -3.23 -11.10 -19.11
CA SER A 286 -2.03 -11.15 -18.28
C SER A 286 -0.80 -10.69 -19.06
N MET A 287 -0.81 -10.85 -20.40
CA MET A 287 0.36 -10.39 -21.17
C MET A 287 0.55 -8.88 -21.07
N GLN A 288 -0.50 -8.13 -20.70
CA GLN A 288 -0.39 -6.70 -20.54
C GLN A 288 0.21 -6.30 -19.16
N LEU A 289 0.45 -7.25 -18.26
CA LEU A 289 0.98 -6.89 -16.95
C LEU A 289 2.51 -6.76 -17.04
N THR A 290 3.11 -6.46 -15.92
CA THR A 290 4.56 -6.35 -15.88
C THR A 290 5.14 -7.55 -15.17
N PRO A 291 6.42 -7.83 -15.44
CA PRO A 291 7.10 -8.89 -14.66
C PRO A 291 6.99 -8.69 -13.15
N LEU A 292 7.25 -7.49 -12.60
CA LEU A 292 7.14 -7.30 -11.15
C LEU A 292 5.73 -7.64 -10.65
N VAL A 293 4.71 -7.19 -11.37
CA VAL A 293 3.33 -7.42 -10.95
C VAL A 293 3.02 -8.92 -10.89
N LEU A 294 3.43 -9.66 -11.92
CA LEU A 294 3.15 -11.09 -11.96
C LEU A 294 3.90 -11.84 -10.87
N GLU A 295 5.13 -11.42 -10.59
CA GLU A 295 5.88 -12.07 -9.53
C GLU A 295 5.25 -11.79 -8.17
N VAL A 296 4.84 -10.54 -7.95
CA VAL A 296 4.38 -10.15 -6.62
C VAL A 296 2.98 -10.66 -6.35
N PHE A 297 2.05 -10.50 -7.30
CA PHE A 297 0.67 -10.98 -7.16
C PHE A 297 0.48 -12.42 -7.55
N GLY A 298 1.53 -13.06 -8.07
CA GLY A 298 1.45 -14.46 -8.42
C GLY A 298 1.49 -15.34 -7.19
N SER A 299 1.15 -16.60 -7.40
CA SER A 299 0.94 -17.55 -6.33
C SER A 299 2.14 -18.45 -6.07
N GLU A 300 3.32 -18.13 -6.63
CA GLU A 300 4.56 -18.84 -6.31
C GLU A 300 4.92 -18.66 -4.84
N VAL A 301 5.52 -19.70 -4.26
CA VAL A 301 5.82 -19.62 -2.83
C VAL A 301 7.32 -19.48 -2.53
N LYS B 1 13.21 -18.45 -7.87
CA LYS B 1 11.88 -17.82 -7.66
C LYS B 1 12.04 -16.39 -7.17
N HIS B 2 11.04 -15.54 -7.39
CA HIS B 2 11.07 -14.18 -6.82
C HIS B 2 12.38 -13.50 -7.21
N LYS B 3 12.77 -13.66 -8.46
CA LYS B 3 14.04 -13.13 -8.96
C LYS B 3 14.08 -11.62 -8.82
N ILE B 4 12.99 -10.95 -9.16
CA ILE B 4 13.00 -9.49 -9.14
C ILE B 4 12.90 -9.00 -7.72
N LEU B 5 12.09 -9.67 -6.90
CA LEU B 5 11.93 -9.21 -5.52
C LEU B 5 13.25 -9.32 -4.78
N HIS B 6 13.95 -10.45 -4.93
CA HIS B 6 15.25 -10.62 -4.28
C HIS B 6 16.18 -9.50 -4.67
N ARG B 7 16.22 -9.22 -5.97
CA ARG B 7 17.14 -8.21 -6.48
C ARG B 7 16.80 -6.86 -5.88
N LEU B 8 15.54 -6.47 -6.02
CA LEU B 8 15.02 -5.25 -5.42
C LEU B 8 15.24 -5.20 -3.90
N LEU B 9 15.16 -6.34 -3.22
CA LEU B 9 15.44 -6.31 -1.79
C LEU B 9 16.94 -6.20 -1.50
N GLN B 10 17.77 -6.02 -2.54
CA GLN B 10 19.23 -5.99 -2.45
C GLN B 10 19.74 -7.33 -1.96
C ACT C . 5.26 7.72 -5.71
O ACT C . 6.54 8.09 -5.87
OXT ACT C . 4.87 6.61 -5.31
CH3 ACT C . 4.09 8.62 -6.09
C7 A1IQP D . -5.42 1.80 -5.85
C8 A1IQP D . -5.90 0.35 -6.17
C9 A1IQP D . -6.48 0.43 -7.61
C1 A1IQP D . -5.80 3.65 -9.79
C5 A1IQP D . -5.76 1.63 -8.25
C6 A1IQP D . -6.44 2.31 -9.46
C4 A1IQP D . -5.85 2.63 -7.07
C3 A1IQP D . -5.19 3.95 -7.39
C2 A1IQP D . -5.83 4.61 -8.58
C10 A1IQP D . -4.10 4.39 -6.76
C11 A1IQP D . -3.38 5.60 -7.04
C12 A1IQP D . -2.08 5.82 -6.83
C13 A1IQP D . -1.47 7.16 -7.15
C14 A1IQP D . -0.49 7.62 -6.07
C15 A1IQP D . 0.58 6.57 -5.85
C16 A1IQP D . -0.04 5.24 -5.43
C17 A1IQP D . -1.07 4.78 -6.45
C18 A1IQP D . -1.01 3.56 -6.97
C21 A1IQP D . -4.28 1.34 -8.56
C22 A1IQP D . -6.50 -0.93 -8.34
C23 A1IQP D . -7.69 -1.79 -7.94
C24 A1IQP D . -5.28 -1.77 -7.98
C25 A1IQP D . -5.36 -3.10 -8.59
C26 A1IQP D . -5.28 -4.13 -9.21
C28 A1IQP D . -4.13 -4.86 -11.85
C29 A1IQP D . -6.49 -6.48 -10.69
C30 A1IQP D . -3.74 -6.71 -9.43
C31 A1IQP D . -3.54 -5.99 -12.71
C32 A1IQP D . -3.00 -3.90 -11.49
C33 A1IQP D . -5.20 -4.10 -12.63
O19 A1IQP D . 1.02 4.29 -5.19
O20 A1IQP D . -1.21 7.91 -4.86
SI27 A1IQP D . -4.91 -5.57 -10.30
#